data_5WTZ
#
_entry.id   5WTZ
#
_cell.length_a   70.001
_cell.length_b   95.212
_cell.length_c   125.113
_cell.angle_alpha   90.00
_cell.angle_beta   90.00
_cell.angle_gamma   90.00
#
_symmetry.space_group_name_H-M   'I 2 2 2'
#
loop_
_entity.id
_entity.type
_entity.pdbx_description
1 polymer 'Binary enterotoxin of Clostridium perfringens component a'
2 non-polymer NICOTINAMIDE-ADENINE-DINUCLEOTIDE
3 water water
#
_entity_poly.entity_id   1
_entity_poly.type   'polypeptide(L)'
_entity_poly.pdbx_seq_one_letter_code
;GSMLDDNRPMDFAKDKNSATLWAKKRKQVWLNNLSKAESTSINNYIKNSSEINSYSIKKKFALDNYEGIETLNEDLKNIS
TAVKKSMLTKPLYVYYYEANDKFGFNQNLESSLDSNIIDEEAINNFAKKISDTNFIQDGFKDVTMTEPDINSKLPILVHL
KLPTNTPAASYGNDEENLRVLIDQGYSLKATGLSIVTIKGKQYAKVDADLIKQLNFENDVISASQWGEENYAPWLKELTS
NELRDINNYLGGGYTAINKYLLDGTIGENTSKEDLEEKISNISSALKKRKIPEDIITYRRMGPNEFGLDLNSPDYDFNKV
ENVSKFKEKWLGKTIPVKTFISTTVLSNNISAFAKRKLILRLHLPNGSNAAYVSVAEGYKNEYEVLIDHGYSYKIDNITE
YYDESSLGGKTNKLIIDATLI
;
_entity_poly.pdbx_strand_id   A
#
loop_
_chem_comp.id
_chem_comp.type
_chem_comp.name
_chem_comp.formula
NAD non-polymer NICOTINAMIDE-ADENINE-DINUCLEOTIDE 'C21 H27 N7 O14 P2'
#
# COMPACT_ATOMS: atom_id res chain seq x y z
N SER A 2 -19.78 -5.43 -27.00
CA SER A 2 -20.05 -6.87 -26.85
C SER A 2 -19.46 -7.68 -28.00
N MET A 3 -19.96 -7.44 -29.21
CA MET A 3 -19.31 -7.97 -30.40
C MET A 3 -17.86 -7.50 -30.40
N LEU A 4 -17.64 -6.23 -30.12
CA LEU A 4 -16.26 -5.78 -30.11
C LEU A 4 -15.59 -6.05 -28.76
N ASP A 5 -16.36 -6.26 -27.71
CA ASP A 5 -15.77 -6.76 -26.45
C ASP A 5 -15.23 -8.18 -26.64
N ASP A 6 -15.98 -9.00 -27.37
CA ASP A 6 -15.58 -10.39 -27.62
C ASP A 6 -14.43 -10.50 -28.62
N ASN A 7 -14.40 -9.59 -29.60
CA ASN A 7 -13.42 -9.69 -30.68
C ASN A 7 -12.17 -8.83 -30.47
N ARG A 8 -12.14 -8.05 -29.40
CA ARG A 8 -10.98 -7.19 -29.15
C ARG A 8 -9.76 -8.04 -28.75
N PRO A 9 -8.55 -7.56 -29.08
CA PRO A 9 -7.34 -8.24 -28.60
C PRO A 9 -7.18 -8.10 -27.10
N MET A 10 -6.22 -8.82 -26.54
CA MET A 10 -5.87 -8.69 -25.14
C MET A 10 -5.09 -7.38 -24.95
N ASP A 11 -4.26 -7.08 -25.95
CA ASP A 11 -3.35 -5.94 -25.95
C ASP A 11 -3.52 -5.11 -27.23
N PHE A 12 -4.10 -3.91 -27.11
CA PHE A 12 -4.31 -3.03 -28.27
C PHE A 12 -3.01 -2.52 -28.84
N ALA A 13 -1.94 -2.66 -28.06
CA ALA A 13 -0.58 -2.32 -28.47
C ALA A 13 -0.48 -0.90 -29.03
N LYS A 14 -0.85 -0.72 -30.30
CA LYS A 14 -0.77 0.59 -30.93
C LYS A 14 -2.02 0.91 -31.76
N ASP A 15 -2.94 -0.04 -31.78
CA ASP A 15 -4.22 0.11 -32.46
C ASP A 15 -5.14 0.99 -31.66
N LYS A 16 -4.93 2.28 -31.73
CA LYS A 16 -5.80 3.08 -30.92
C LYS A 16 -7.10 3.40 -31.62
N ASN A 17 -7.17 3.18 -32.93
CA ASN A 17 -8.46 3.25 -33.62
C ASN A 17 -9.47 2.27 -33.04
N SER A 18 -9.16 0.99 -33.10
CA SER A 18 -10.04 -0.04 -32.55
C SER A 18 -10.26 0.16 -31.06
N ALA A 19 -9.21 0.61 -30.37
CA ALA A 19 -9.28 0.86 -28.93
C ALA A 19 -10.35 1.90 -28.62
N THR A 20 -10.36 3.01 -29.36
CA THR A 20 -11.33 4.08 -29.12
C THR A 20 -12.73 3.60 -29.51
N LEU A 21 -12.82 2.76 -30.54
CA LEU A 21 -14.11 2.23 -30.95
C LEU A 21 -14.64 1.38 -29.80
N TRP A 22 -13.87 0.34 -29.48
CA TRP A 22 -14.10 -0.48 -28.29
C TRP A 22 -14.45 0.38 -27.09
N ALA A 23 -13.64 1.41 -26.85
CA ALA A 23 -13.84 2.33 -25.73
C ALA A 23 -15.15 3.09 -25.86
N LYS A 24 -15.56 3.35 -27.09
CA LYS A 24 -16.63 4.30 -27.29
C LYS A 24 -17.98 3.79 -26.92
N LYS A 25 -18.27 2.59 -27.41
CA LYS A 25 -19.50 1.92 -27.09
C LYS A 25 -19.61 1.68 -25.63
N ARG A 26 -18.55 1.11 -25.06
CA ARG A 26 -18.60 0.73 -23.66
C ARG A 26 -18.71 2.00 -22.82
N LYS A 27 -18.14 3.09 -23.30
CA LYS A 27 -18.28 4.38 -22.62
C LYS A 27 -19.75 4.85 -22.60
N GLN A 28 -20.38 4.87 -23.77
CA GLN A 28 -21.80 5.24 -23.89
C GLN A 28 -22.71 4.35 -23.03
N VAL A 29 -22.57 3.04 -23.18
CA VAL A 29 -23.40 2.08 -22.45
C VAL A 29 -23.20 2.21 -20.94
N TRP A 30 -21.96 2.47 -20.53
CA TRP A 30 -21.61 2.53 -19.11
C TRP A 30 -22.29 3.70 -18.41
N LEU A 31 -22.20 4.87 -19.00
CA LEU A 31 -22.78 6.06 -18.36
C LEU A 31 -24.31 6.05 -18.35
N ASN A 32 -24.91 5.25 -19.22
CA ASN A 32 -26.36 5.10 -19.20
C ASN A 32 -26.80 4.18 -18.07
N ASN A 33 -25.82 3.63 -17.35
CA ASN A 33 -26.09 2.85 -16.14
C ASN A 33 -25.80 3.68 -14.92
N LEU A 34 -25.39 4.93 -15.16
CA LEU A 34 -24.92 5.79 -14.08
C LEU A 34 -26.02 6.65 -13.49
N SER A 35 -26.08 6.71 -12.17
CA SER A 35 -26.94 7.68 -11.50
C SER A 35 -26.41 9.08 -11.83
N LYS A 36 -27.21 10.10 -11.53
CA LYS A 36 -26.74 11.46 -11.70
C LYS A 36 -25.51 11.70 -10.83
N ALA A 37 -25.51 11.10 -9.64
CA ALA A 37 -24.41 11.27 -8.70
C ALA A 37 -23.12 10.64 -9.24
N GLU A 38 -23.25 9.55 -9.98
CA GLU A 38 -22.09 8.88 -10.55
C GLU A 38 -21.52 9.64 -11.73
N SER A 39 -22.39 10.14 -12.59
CA SER A 39 -21.91 10.96 -13.70
C SER A 39 -21.16 12.16 -13.18
N THR A 40 -21.72 12.86 -12.20
CA THR A 40 -21.06 14.05 -11.65
C THR A 40 -19.80 13.70 -10.88
N SER A 41 -19.73 12.51 -10.31
CA SER A 41 -18.51 12.10 -9.61
C SER A 41 -17.41 11.70 -10.59
N ILE A 42 -17.77 11.02 -11.66
CA ILE A 42 -16.81 10.76 -12.73
C ILE A 42 -16.34 12.08 -13.35
N ASN A 43 -17.26 13.03 -13.51
CA ASN A 43 -16.89 14.35 -13.99
C ASN A 43 -15.92 15.06 -13.06
N ASN A 44 -16.12 14.88 -11.76
CA ASN A 44 -15.20 15.42 -10.76
C ASN A 44 -13.82 14.78 -10.86
N TYR A 45 -13.77 13.51 -11.26
CA TYR A 45 -12.49 12.84 -11.39
C TYR A 45 -11.73 13.36 -12.62
N ILE A 46 -12.44 13.57 -13.72
CA ILE A 46 -11.83 14.15 -14.90
C ILE A 46 -11.20 15.50 -14.56
N LYS A 47 -11.90 16.32 -13.77
CA LYS A 47 -11.47 17.69 -13.44
C LYS A 47 -10.34 17.77 -12.41
N ASN A 48 -10.38 16.92 -11.40
CA ASN A 48 -9.29 16.94 -10.43
C ASN A 48 -9.03 15.60 -9.77
N SER A 49 -8.60 14.63 -10.57
CA SER A 49 -8.22 13.31 -10.08
C SER A 49 -7.21 13.38 -8.95
N SER A 50 -6.26 14.30 -9.03
CA SER A 50 -5.18 14.34 -8.03
C SER A 50 -5.74 14.65 -6.65
N GLU A 51 -6.68 15.59 -6.59
CA GLU A 51 -7.32 15.96 -5.33
C GLU A 51 -8.14 14.80 -4.74
N ILE A 52 -8.90 14.10 -5.57
CA ILE A 52 -9.65 12.94 -5.13
C ILE A 52 -8.73 11.83 -4.63
N ASN A 53 -7.67 11.57 -5.37
CA ASN A 53 -6.78 10.49 -4.99
C ASN A 53 -6.01 10.81 -3.72
N SER A 54 -5.61 12.07 -3.56
CA SER A 54 -4.89 12.46 -2.37
C SER A 54 -5.82 12.38 -1.17
N TYR A 55 -7.08 12.76 -1.38
CA TYR A 55 -8.08 12.67 -0.31
C TYR A 55 -8.33 11.22 0.13
N SER A 56 -8.37 10.27 -0.80
CA SER A 56 -8.59 8.87 -0.43
C SER A 56 -7.55 8.42 0.58
N ILE A 57 -6.33 8.95 0.43
CA ILE A 57 -5.24 8.65 1.35
C ILE A 57 -5.46 9.27 2.74
N LYS A 58 -5.73 10.58 2.77
CA LYS A 58 -6.11 11.30 3.99
C LYS A 58 -7.18 10.54 4.76
N LYS A 59 -8.24 10.17 4.04
CA LYS A 59 -9.42 9.62 4.68
C LYS A 59 -9.15 8.26 5.30
N LYS A 60 -8.47 7.38 4.56
CA LYS A 60 -8.29 6.02 5.05
C LYS A 60 -7.29 5.95 6.19
N PHE A 61 -6.38 6.92 6.30
CA PHE A 61 -5.44 6.92 7.42
C PHE A 61 -5.88 7.80 8.60
N ALA A 62 -7.00 8.48 8.46
CA ALA A 62 -7.48 9.41 9.50
C ALA A 62 -7.97 8.70 10.76
N LEU A 63 -8.17 9.50 11.80
CA LEU A 63 -8.82 9.03 13.01
C LEU A 63 -10.27 8.68 12.71
N ASP A 64 -10.89 7.92 13.60
CA ASP A 64 -12.21 7.34 13.36
C ASP A 64 -13.34 8.34 13.11
N ASN A 65 -13.35 9.46 13.84
CA ASN A 65 -14.44 10.40 13.68
C ASN A 65 -14.00 11.66 12.98
N TYR A 66 -13.00 11.47 12.13
CA TYR A 66 -12.65 12.42 11.10
C TYR A 66 -13.77 12.41 10.07
N GLU A 67 -14.47 13.53 9.90
CA GLU A 67 -15.60 13.53 8.97
C GLU A 67 -15.20 14.08 7.61
N GLY A 68 -14.09 14.81 7.55
CA GLY A 68 -13.48 15.19 6.29
C GLY A 68 -14.31 16.12 5.43
N ILE A 69 -14.34 15.85 4.13
CA ILE A 69 -15.03 16.71 3.17
C ILE A 69 -16.12 15.91 2.45
N GLU A 70 -17.37 16.27 2.71
CA GLU A 70 -18.50 15.41 2.36
C GLU A 70 -18.61 15.13 0.86
N THR A 71 -18.30 16.13 0.04
CA THR A 71 -18.32 15.99 -1.41
C THR A 71 -17.34 14.94 -1.90
N LEU A 72 -16.15 14.95 -1.32
CA LEU A 72 -15.11 14.03 -1.74
C LEU A 72 -15.41 12.61 -1.25
N ASN A 73 -16.11 12.51 -0.13
CA ASN A 73 -16.60 11.23 0.35
C ASN A 73 -17.53 10.62 -0.68
N GLU A 74 -18.50 11.40 -1.16
CA GLU A 74 -19.44 10.93 -2.18
C GLU A 74 -18.69 10.56 -3.46
N ASP A 75 -17.75 11.42 -3.85
CA ASP A 75 -16.90 11.12 -4.99
C ASP A 75 -16.21 9.77 -4.85
N LEU A 76 -15.59 9.52 -3.70
CA LEU A 76 -14.93 8.24 -3.47
C LEU A 76 -15.90 7.08 -3.62
N LYS A 77 -17.09 7.20 -3.02
CA LYS A 77 -18.09 6.14 -3.10
C LYS A 77 -18.60 5.96 -4.52
N ASN A 78 -18.94 7.06 -5.19
CA ASN A 78 -19.61 6.99 -6.49
C ASN A 78 -18.70 6.59 -7.65
N ILE A 79 -17.43 6.97 -7.61
CA ILE A 79 -16.52 6.61 -8.70
C ILE A 79 -16.38 5.10 -8.71
N SER A 80 -16.30 4.53 -7.53
CA SER A 80 -16.12 3.09 -7.33
C SER A 80 -17.32 2.28 -7.85
N THR A 81 -18.55 2.68 -7.53
CA THR A 81 -19.71 1.96 -8.06
C THR A 81 -19.81 2.14 -9.57
N ALA A 82 -19.38 3.29 -10.06
CA ALA A 82 -19.43 3.56 -11.49
C ALA A 82 -18.54 2.60 -12.26
N VAL A 83 -17.26 2.50 -11.87
CA VAL A 83 -16.33 1.63 -12.60
C VAL A 83 -16.68 0.15 -12.42
N LYS A 84 -17.30 -0.20 -11.30
CA LYS A 84 -17.72 -1.59 -11.09
C LYS A 84 -18.82 -2.01 -12.06
N LYS A 85 -19.42 -1.05 -12.76
CA LYS A 85 -20.43 -1.35 -13.76
C LYS A 85 -19.77 -1.55 -15.12
N SER A 86 -18.44 -1.50 -15.14
CA SER A 86 -17.67 -1.60 -16.37
C SER A 86 -16.50 -2.57 -16.19
N MET A 87 -16.82 -3.82 -15.85
CA MET A 87 -15.80 -4.83 -15.62
C MET A 87 -15.30 -5.46 -16.92
N LEU A 88 -14.00 -5.72 -16.98
CA LEU A 88 -13.41 -6.37 -18.15
C LEU A 88 -13.97 -7.77 -18.36
N THR A 89 -14.30 -8.11 -19.60
CA THR A 89 -14.82 -9.44 -19.93
C THR A 89 -13.66 -10.45 -20.02
N LYS A 90 -12.48 -9.92 -20.28
CA LYS A 90 -11.28 -10.71 -20.46
C LYS A 90 -10.10 -9.77 -20.19
N PRO A 91 -8.89 -10.33 -19.99
CA PRO A 91 -7.74 -9.47 -19.69
C PRO A 91 -7.51 -8.32 -20.66
N LEU A 92 -7.00 -7.21 -20.12
CA LEU A 92 -6.65 -6.03 -20.90
C LEU A 92 -5.29 -5.50 -20.45
N TYR A 93 -4.35 -5.37 -21.38
CA TYR A 93 -3.11 -4.68 -21.07
C TYR A 93 -3.28 -3.16 -21.22
N VAL A 94 -2.73 -2.41 -20.27
CA VAL A 94 -2.80 -0.96 -20.31
C VAL A 94 -1.42 -0.37 -20.10
N TYR A 95 -1.29 0.93 -20.38
CA TYR A 95 -0.01 1.62 -20.44
C TYR A 95 0.01 2.91 -19.63
N TYR A 96 1.15 3.20 -19.01
CA TYR A 96 1.40 4.53 -18.46
C TYR A 96 2.86 4.71 -18.12
N TYR A 97 3.37 5.91 -18.40
CA TYR A 97 4.69 6.32 -17.96
C TYR A 97 4.65 6.51 -16.46
N GLU A 98 5.76 6.20 -15.79
CA GLU A 98 5.79 6.24 -14.33
C GLU A 98 7.10 6.79 -13.75
N ALA A 99 7.01 7.41 -12.58
CA ALA A 99 8.17 8.02 -11.92
C ALA A 99 8.89 6.95 -11.11
N ASN A 100 10.19 7.10 -10.94
CA ASN A 100 10.89 6.05 -10.19
C ASN A 100 10.45 6.01 -8.71
N ASP A 101 9.99 7.11 -8.15
CA ASP A 101 9.61 7.03 -6.72
C ASP A 101 8.35 6.18 -6.48
N LYS A 102 7.54 5.93 -7.50
CA LYS A 102 6.47 4.96 -7.36
C LYS A 102 7.01 3.52 -7.30
N PHE A 103 8.30 3.35 -7.50
CA PHE A 103 8.89 2.04 -7.30
C PHE A 103 9.88 2.11 -6.15
N GLY A 104 9.87 3.24 -5.44
CA GLY A 104 10.77 3.47 -4.33
C GLY A 104 12.22 3.46 -4.75
N PHE A 105 12.47 3.90 -5.97
CA PHE A 105 13.81 3.86 -6.55
C PHE A 105 14.31 5.29 -6.69
N ASN A 106 15.47 5.59 -6.08
CA ASN A 106 15.97 6.96 -6.09
C ASN A 106 17.15 7.21 -7.04
N GLN A 107 17.67 6.15 -7.65
CA GLN A 107 18.77 6.26 -8.60
C GLN A 107 18.28 6.69 -9.98
N ASN A 108 19.07 7.54 -10.64
CA ASN A 108 18.74 7.98 -11.98
C ASN A 108 18.93 6.87 -13.01
N LEU A 109 17.91 6.61 -13.83
CA LEU A 109 17.99 5.57 -14.85
C LEU A 109 18.64 6.06 -16.13
N GLU A 110 18.65 7.38 -16.32
CA GLU A 110 19.26 7.97 -17.49
C GLU A 110 20.76 7.89 -17.37
N SER A 111 21.43 7.35 -18.39
CA SER A 111 22.88 7.40 -18.45
C SER A 111 23.33 8.84 -18.40
N SER A 112 24.48 9.09 -17.78
CA SER A 112 25.01 10.46 -17.72
C SER A 112 25.67 10.84 -19.04
N LEU A 113 26.01 9.86 -19.87
CA LEU A 113 26.63 10.16 -21.16
C LEU A 113 25.60 10.55 -22.23
N ASP A 114 24.54 9.78 -22.34
CA ASP A 114 23.50 10.03 -23.34
C ASP A 114 22.12 9.90 -22.70
N SER A 115 21.36 10.98 -22.72
CA SER A 115 20.05 11.00 -22.08
C SER A 115 19.04 10.09 -22.78
N ASN A 116 19.35 9.68 -24.02
CA ASN A 116 18.48 8.76 -24.75
C ASN A 116 18.67 7.31 -24.29
N ILE A 117 19.67 7.08 -23.44
CA ILE A 117 20.13 5.73 -23.14
C ILE A 117 20.10 5.40 -21.65
N ILE A 118 19.53 4.25 -21.31
CA ILE A 118 19.39 3.83 -19.93
C ILE A 118 20.73 3.34 -19.39
N ASP A 119 21.05 3.72 -18.15
CA ASP A 119 22.28 3.31 -17.50
C ASP A 119 22.24 1.85 -17.04
N GLU A 120 23.25 1.07 -17.42
CA GLU A 120 23.25 -0.38 -17.18
C GLU A 120 23.26 -0.73 -15.69
N GLU A 121 24.11 -0.07 -14.91
CA GLU A 121 24.18 -0.37 -13.48
C GLU A 121 22.90 0.06 -12.79
N ALA A 122 22.36 1.20 -13.22
CA ALA A 122 21.13 1.72 -12.65
C ALA A 122 19.98 0.74 -12.89
N ILE A 123 19.83 0.28 -14.13
CA ILE A 123 18.71 -0.63 -14.39
C ILE A 123 18.92 -2.00 -13.72
N ASN A 124 20.17 -2.40 -13.47
CA ASN A 124 20.40 -3.63 -12.73
C ASN A 124 19.97 -3.48 -11.28
N ASN A 125 20.23 -2.32 -10.71
CA ASN A 125 19.77 -2.04 -9.37
C ASN A 125 18.25 -1.97 -9.32
N PHE A 126 17.67 -1.44 -10.39
CA PHE A 126 16.22 -1.30 -10.51
C PHE A 126 15.59 -2.69 -10.56
N ALA A 127 16.21 -3.60 -11.30
CA ALA A 127 15.74 -4.99 -11.36
C ALA A 127 15.62 -5.61 -9.96
N LYS A 128 16.61 -5.37 -9.11
CA LYS A 128 16.58 -5.93 -7.78
C LYS A 128 15.48 -5.24 -6.95
N LYS A 129 15.41 -3.92 -7.04
CA LYS A 129 14.48 -3.13 -6.25
C LYS A 129 13.02 -3.49 -6.52
N ILE A 130 12.66 -3.75 -7.78
CA ILE A 130 11.27 -4.07 -8.11
C ILE A 130 10.87 -5.54 -7.89
N SER A 131 11.85 -6.41 -7.66
CA SER A 131 11.59 -7.80 -7.31
C SER A 131 11.05 -7.98 -5.89
N ASP A 132 10.31 -9.08 -5.69
CA ASP A 132 9.85 -9.49 -4.35
C ASP A 132 9.06 -8.39 -3.67
N THR A 133 8.29 -7.63 -4.45
CA THR A 133 7.54 -6.49 -3.92
C THR A 133 6.19 -6.37 -4.61
N ASN A 134 5.13 -6.27 -3.81
CA ASN A 134 3.84 -5.84 -4.32
C ASN A 134 3.68 -4.36 -4.04
N PHE A 135 3.56 -3.56 -5.10
CA PHE A 135 3.50 -2.10 -4.97
C PHE A 135 2.05 -1.62 -4.88
N ILE A 136 1.65 -1.25 -3.67
CA ILE A 136 0.29 -0.82 -3.43
C ILE A 136 -0.01 0.47 -4.19
N GLN A 137 -1.09 0.45 -4.96
N GLN A 137 -1.14 0.49 -4.90
CA GLN A 137 -1.57 1.64 -5.65
CA GLN A 137 -1.52 1.66 -5.68
C GLN A 137 -2.64 2.31 -4.79
C GLN A 137 -2.69 2.40 -5.01
N ASP A 138 -2.39 3.56 -4.42
CA ASP A 138 -3.40 4.35 -3.71
C ASP A 138 -4.34 5.10 -4.66
N GLY A 139 -5.60 5.23 -4.25
CA GLY A 139 -6.58 5.94 -5.05
C GLY A 139 -6.99 5.20 -6.31
N PHE A 140 -7.70 5.89 -7.20
CA PHE A 140 -8.04 5.36 -8.50
C PHE A 140 -6.85 5.57 -9.42
N LYS A 141 -6.71 4.68 -10.40
CA LYS A 141 -5.61 4.76 -11.33
C LYS A 141 -6.14 4.82 -12.75
N ASP A 142 -5.95 5.95 -13.42
CA ASP A 142 -6.36 6.04 -14.81
C ASP A 142 -5.17 5.83 -15.71
N VAL A 143 -5.39 5.14 -16.82
CA VAL A 143 -4.33 4.72 -17.73
C VAL A 143 -4.76 4.84 -19.18
N THR A 144 -3.84 4.51 -20.09
CA THR A 144 -4.15 4.57 -21.52
C THR A 144 -4.11 3.17 -22.15
N MET A 145 -4.76 3.03 -23.31
CA MET A 145 -4.96 1.72 -23.93
C MET A 145 -3.83 1.24 -24.83
N THR A 146 -2.94 2.15 -25.19
CA THR A 146 -1.91 1.84 -26.17
C THR A 146 -0.56 2.40 -25.75
N GLU A 147 0.50 1.82 -26.29
CA GLU A 147 1.85 2.29 -26.04
C GLU A 147 1.95 3.76 -26.41
N PRO A 148 2.46 4.59 -25.50
CA PRO A 148 2.52 6.02 -25.79
C PRO A 148 3.33 6.30 -27.06
N ASP A 149 2.97 7.38 -27.74
CA ASP A 149 3.60 7.73 -29.02
C ASP A 149 4.34 9.04 -28.88
N ILE A 150 4.54 9.45 -27.64
CA ILE A 150 5.15 10.75 -27.33
C ILE A 150 6.15 10.67 -26.19
N ASN A 151 6.97 11.70 -26.09
CA ASN A 151 8.01 11.80 -25.08
C ASN A 151 7.44 11.79 -23.66
N SER A 152 8.21 11.28 -22.72
CA SER A 152 7.92 11.52 -21.32
C SER A 152 9.17 12.02 -20.61
N LYS A 153 8.99 12.90 -19.64
CA LYS A 153 10.10 13.29 -18.77
C LYS A 153 10.36 12.19 -17.72
N LEU A 154 9.48 11.19 -17.68
CA LEU A 154 9.60 10.06 -16.74
C LEU A 154 10.45 8.94 -17.35
N PRO A 155 11.13 8.13 -16.49
CA PRO A 155 12.07 7.08 -16.94
C PRO A 155 11.45 5.73 -17.27
N ILE A 156 10.23 5.48 -16.82
CA ILE A 156 9.66 4.14 -16.83
C ILE A 156 8.37 4.08 -17.62
N LEU A 157 8.20 3.00 -18.36
CA LEU A 157 6.92 2.70 -19.00
C LEU A 157 6.36 1.45 -18.36
N VAL A 158 5.16 1.56 -17.79
CA VAL A 158 4.51 0.41 -17.19
C VAL A 158 3.52 -0.20 -18.18
N HIS A 159 3.67 -1.51 -18.39
CA HIS A 159 2.83 -2.30 -19.26
C HIS A 159 2.08 -3.28 -18.37
N LEU A 160 0.87 -2.89 -17.97
CA LEU A 160 0.14 -3.49 -16.86
C LEU A 160 -0.99 -4.37 -17.34
N LYS A 161 -1.01 -5.61 -16.87
CA LYS A 161 -2.03 -6.59 -17.26
C LYS A 161 -3.19 -6.60 -16.26
N LEU A 162 -4.35 -6.16 -16.72
CA LEU A 162 -5.55 -6.15 -15.90
C LEU A 162 -6.29 -7.46 -16.08
N PRO A 163 -6.54 -8.19 -14.98
CA PRO A 163 -7.25 -9.47 -15.16
C PRO A 163 -8.73 -9.30 -15.51
N THR A 164 -9.34 -10.39 -15.96
CA THR A 164 -10.78 -10.48 -16.17
C THR A 164 -11.57 -9.94 -14.96
N ASN A 165 -12.68 -9.26 -15.25
CA ASN A 165 -13.60 -8.72 -14.23
C ASN A 165 -13.04 -7.53 -13.43
N THR A 166 -11.90 -7.00 -13.84
CA THR A 166 -11.40 -5.75 -13.26
C THR A 166 -12.35 -4.62 -13.62
N PRO A 167 -12.80 -3.85 -12.63
CA PRO A 167 -13.51 -2.61 -12.90
C PRO A 167 -12.60 -1.63 -13.61
N ALA A 168 -12.89 -1.35 -14.88
CA ALA A 168 -12.00 -0.58 -15.73
C ALA A 168 -12.82 0.16 -16.76
N ALA A 169 -13.24 1.38 -16.43
CA ALA A 169 -14.18 2.11 -17.28
C ALA A 169 -13.48 2.96 -18.33
N SER A 170 -14.05 3.00 -19.52
CA SER A 170 -13.56 3.86 -20.60
C SER A 170 -14.15 5.25 -20.43
N TYR A 171 -13.29 6.26 -20.41
CA TYR A 171 -13.72 7.62 -20.12
C TYR A 171 -12.74 8.66 -20.66
N GLY A 172 -13.13 9.92 -20.58
CA GLY A 172 -12.25 11.01 -20.99
C GLY A 172 -12.95 12.03 -21.87
N ASN A 173 -12.23 13.10 -22.22
CA ASN A 173 -12.74 14.12 -23.13
C ASN A 173 -12.19 13.91 -24.53
N ASP A 174 -10.86 13.82 -24.64
CA ASP A 174 -10.23 13.45 -25.90
C ASP A 174 -10.78 12.08 -26.23
N GLU A 175 -11.44 12.00 -27.39
CA GLU A 175 -12.28 10.87 -27.69
C GLU A 175 -11.61 9.93 -28.69
N GLU A 176 -10.59 10.46 -29.35
CA GLU A 176 -9.47 9.66 -29.75
C GLU A 176 -8.62 9.63 -28.46
N ASN A 177 -7.63 8.75 -28.34
CA ASN A 177 -6.84 8.68 -27.10
C ASN A 177 -7.63 8.66 -25.78
N LEU A 178 -8.50 7.66 -25.64
CA LEU A 178 -9.34 7.53 -24.45
C LEU A 178 -8.66 6.80 -23.28
N ARG A 179 -9.08 7.14 -22.07
CA ARG A 179 -8.45 6.60 -20.87
C ARG A 179 -9.26 5.48 -20.20
N VAL A 180 -8.59 4.75 -19.33
CA VAL A 180 -9.20 3.66 -18.59
C VAL A 180 -9.09 3.93 -17.11
N LEU A 181 -10.23 3.91 -16.43
CA LEU A 181 -10.26 4.24 -15.01
C LEU A 181 -10.39 2.96 -14.19
N ILE A 182 -9.34 2.65 -13.42
CA ILE A 182 -9.33 1.43 -12.62
C ILE A 182 -9.73 1.70 -11.17
N ASP A 183 -10.58 0.83 -10.63
CA ASP A 183 -11.03 0.92 -9.24
C ASP A 183 -9.89 0.97 -8.21
N GLN A 184 -10.23 1.47 -7.02
CA GLN A 184 -9.33 1.46 -5.88
C GLN A 184 -9.08 0.05 -5.39
N GLY A 185 -8.00 -0.14 -4.63
CA GLY A 185 -7.76 -1.39 -3.92
C GLY A 185 -6.73 -2.33 -4.50
N TYR A 186 -6.04 -1.94 -5.57
CA TYR A 186 -5.13 -2.86 -6.22
C TYR A 186 -3.66 -2.56 -5.96
N SER A 187 -2.82 -3.53 -6.33
CA SER A 187 -1.39 -3.38 -6.26
C SER A 187 -0.73 -3.86 -7.58
N LEU A 188 0.52 -3.47 -7.76
CA LEU A 188 1.31 -3.86 -8.92
C LEU A 188 2.37 -4.87 -8.55
N LYS A 189 2.44 -5.96 -9.33
CA LYS A 189 3.46 -7.00 -9.18
C LYS A 189 4.23 -7.16 -10.48
N ALA A 190 5.52 -6.85 -10.44
CA ALA A 190 6.32 -6.88 -11.67
C ALA A 190 6.50 -8.32 -12.16
N THR A 191 6.44 -8.50 -13.48
CA THR A 191 6.52 -9.79 -14.13
C THR A 191 7.63 -9.82 -15.16
N GLY A 192 8.27 -8.67 -15.40
CA GLY A 192 9.35 -8.60 -16.37
C GLY A 192 9.95 -7.21 -16.45
N LEU A 193 11.18 -7.13 -16.96
CA LEU A 193 11.88 -5.86 -17.11
C LEU A 193 12.77 -5.88 -18.36
N SER A 194 12.72 -4.78 -19.11
CA SER A 194 13.46 -4.65 -20.34
C SER A 194 13.54 -3.18 -20.72
N ILE A 195 14.43 -2.88 -21.65
CA ILE A 195 14.53 -1.54 -22.18
C ILE A 195 13.71 -1.46 -23.47
N VAL A 196 12.96 -0.37 -23.61
CA VAL A 196 12.17 -0.15 -24.81
C VAL A 196 12.52 1.22 -25.35
N THR A 197 12.68 1.30 -26.67
CA THR A 197 13.00 2.57 -27.30
C THR A 197 11.73 3.15 -27.90
N ILE A 198 11.37 4.35 -27.45
CA ILE A 198 10.22 5.05 -28.00
C ILE A 198 10.64 6.44 -28.49
N LYS A 199 10.42 6.74 -29.76
CA LYS A 199 10.86 7.99 -30.36
C LYS A 199 12.35 8.26 -30.09
N GLY A 200 13.18 7.23 -30.25
CA GLY A 200 14.62 7.39 -30.17
C GLY A 200 15.17 7.37 -28.76
N LYS A 201 14.28 7.29 -27.78
CA LYS A 201 14.66 7.34 -26.38
C LYS A 201 14.38 6.04 -25.64
N GLN A 202 15.31 5.64 -24.79
CA GLN A 202 15.13 4.42 -24.01
C GLN A 202 14.39 4.65 -22.70
N TYR A 203 13.46 3.74 -22.40
CA TYR A 203 12.75 3.75 -21.16
C TYR A 203 12.85 2.38 -20.53
N ALA A 204 12.80 2.32 -19.20
CA ALA A 204 12.70 1.05 -18.50
C ALA A 204 11.25 0.56 -18.56
N LYS A 205 11.02 -0.52 -19.29
CA LYS A 205 9.68 -1.08 -19.40
C LYS A 205 9.43 -2.13 -18.32
N VAL A 206 8.51 -1.81 -17.42
CA VAL A 206 8.09 -2.74 -16.38
C VAL A 206 6.82 -3.45 -16.84
N ASP A 207 6.94 -4.75 -17.10
CA ASP A 207 5.75 -5.56 -17.28
C ASP A 207 5.24 -5.89 -15.88
N ALA A 208 3.94 -5.81 -15.68
CA ALA A 208 3.36 -6.13 -14.38
C ALA A 208 1.93 -6.62 -14.45
N ASP A 209 1.53 -7.31 -13.39
CA ASP A 209 0.15 -7.72 -13.18
C ASP A 209 -0.56 -6.84 -12.16
N LEU A 210 -1.81 -6.53 -12.44
CA LEU A 210 -2.67 -5.92 -11.45
C LEU A 210 -3.18 -7.04 -10.55
N ILE A 211 -2.82 -6.98 -9.27
CA ILE A 211 -3.25 -7.97 -8.29
C ILE A 211 -4.00 -7.29 -7.17
N LYS A 212 -4.78 -8.08 -6.43
CA LYS A 212 -5.51 -7.54 -5.31
C LYS A 212 -5.05 -8.21 -4.04
N GLN A 213 -4.46 -7.41 -3.15
CA GLN A 213 -3.98 -7.92 -1.88
C GLN A 213 -5.08 -7.83 -0.83
N LEU A 214 -5.02 -8.70 0.17
CA LEU A 214 -5.96 -8.65 1.29
C LEU A 214 -5.56 -7.48 2.18
N ASN A 215 -6.40 -6.46 2.20
CA ASN A 215 -6.09 -5.18 2.82
C ASN A 215 -7.40 -4.56 3.28
N PHE A 216 -7.69 -4.64 4.58
CA PHE A 216 -8.99 -4.23 5.07
C PHE A 216 -9.20 -2.71 5.09
N GLU A 217 -8.10 -1.95 5.12
CA GLU A 217 -8.12 -0.49 5.27
C GLU A 217 -9.08 -0.05 6.38
N ASN A 218 -10.29 0.42 6.06
CA ASN A 218 -11.24 0.89 7.09
C ASN A 218 -12.37 -0.10 7.38
N ASP A 219 -12.32 -1.26 6.72
CA ASP A 219 -13.39 -2.26 6.79
C ASP A 219 -13.30 -3.08 8.07
N VAL A 220 -13.87 -2.57 9.17
CA VAL A 220 -13.79 -3.25 10.47
C VAL A 220 -14.51 -4.59 10.49
N ILE A 221 -15.60 -4.71 9.74
CA ILE A 221 -16.38 -5.95 9.77
C ILE A 221 -15.60 -7.08 9.11
N SER A 222 -14.99 -6.81 7.97
CA SER A 222 -14.22 -7.84 7.28
C SER A 222 -12.97 -8.20 8.07
N ALA A 223 -12.36 -7.19 8.70
CA ALA A 223 -11.18 -7.41 9.51
C ALA A 223 -11.50 -8.32 10.69
N SER A 224 -12.55 -7.99 11.41
CA SER A 224 -12.99 -8.75 12.57
C SER A 224 -13.32 -10.20 12.17
N GLN A 225 -14.03 -10.36 11.07
CA GLN A 225 -14.38 -11.68 10.55
C GLN A 225 -13.17 -12.54 10.19
N TRP A 226 -12.20 -11.94 9.52
CA TRP A 226 -10.96 -12.62 9.18
C TRP A 226 -10.20 -13.04 10.44
N GLY A 227 -10.07 -12.12 11.39
CA GLY A 227 -9.43 -12.42 12.66
C GLY A 227 -10.08 -13.57 13.40
N GLU A 228 -11.41 -13.52 13.51
CA GLU A 228 -12.17 -14.59 14.15
C GLU A 228 -12.02 -15.93 13.45
N GLU A 229 -12.17 -15.94 12.12
CA GLU A 229 -12.16 -17.19 11.39
C GLU A 229 -10.81 -17.89 11.50
N ASN A 230 -9.75 -17.08 11.46
CA ASN A 230 -8.42 -17.64 11.36
C ASN A 230 -7.73 -17.79 12.69
N TYR A 231 -8.15 -17.04 13.71
CA TYR A 231 -7.42 -17.13 14.98
C TYR A 231 -8.27 -17.48 16.20
N ALA A 232 -9.56 -17.73 16.01
CA ALA A 232 -10.33 -18.36 17.08
C ALA A 232 -9.75 -19.73 17.49
N PRO A 233 -9.40 -20.60 16.50
CA PRO A 233 -8.81 -21.86 16.96
C PRO A 233 -7.45 -21.67 17.64
N TRP A 234 -6.68 -20.67 17.19
CA TRP A 234 -5.38 -20.35 17.78
C TRP A 234 -5.51 -20.06 19.27
N LEU A 235 -6.46 -19.18 19.61
CA LEU A 235 -6.70 -18.78 20.98
C LEU A 235 -6.99 -19.98 21.87
N LYS A 236 -7.69 -20.98 21.32
CA LYS A 236 -7.97 -22.22 22.05
C LYS A 236 -6.73 -22.99 22.46
N GLU A 237 -5.78 -23.10 21.54
CA GLU A 237 -4.60 -23.91 21.76
C GLU A 237 -3.56 -23.25 22.67
N LEU A 238 -3.79 -22.01 23.10
CA LEU A 238 -2.80 -21.34 23.95
C LEU A 238 -2.69 -22.02 25.30
N THR A 239 -1.46 -22.26 25.78
CA THR A 239 -1.27 -22.66 27.17
C THR A 239 -1.70 -21.50 28.07
N SER A 240 -2.02 -21.81 29.32
CA SER A 240 -2.49 -20.78 30.25
C SER A 240 -1.41 -19.71 30.41
N ASN A 241 -0.14 -20.12 30.43
CA ASN A 241 0.96 -19.15 30.52
C ASN A 241 1.16 -18.33 29.24
N GLU A 242 0.90 -18.92 28.08
CA GLU A 242 0.96 -18.15 26.84
C GLU A 242 -0.12 -17.09 26.84
N LEU A 243 -1.34 -17.50 27.21
CA LEU A 243 -2.45 -16.58 27.26
C LEU A 243 -2.17 -15.46 28.26
N ARG A 244 -1.62 -15.83 29.41
CA ARG A 244 -1.33 -14.85 30.46
C ARG A 244 -0.32 -13.81 29.97
N ASP A 245 0.77 -14.29 29.36
CA ASP A 245 1.83 -13.37 28.95
C ASP A 245 1.50 -12.55 27.70
N ILE A 246 0.68 -13.09 26.80
CA ILE A 246 0.13 -12.30 25.69
C ILE A 246 -0.74 -11.17 26.24
N ASN A 247 -1.65 -11.51 27.15
CA ASN A 247 -2.50 -10.53 27.80
C ASN A 247 -1.70 -9.50 28.60
N ASN A 248 -0.67 -9.96 29.31
CA ASN A 248 0.23 -9.03 30.00
C ASN A 248 0.89 -8.05 29.02
N TYR A 249 1.41 -8.57 27.92
CA TYR A 249 2.04 -7.73 26.89
C TYR A 249 1.05 -6.69 26.39
N LEU A 250 -0.14 -7.16 26.00
CA LEU A 250 -1.10 -6.31 25.35
C LEU A 250 -1.63 -5.23 26.28
N GLY A 251 -1.72 -5.54 27.56
CA GLY A 251 -2.27 -4.62 28.54
C GLY A 251 -1.27 -3.61 29.06
N GLY A 252 -0.06 -3.60 28.51
CA GLY A 252 0.93 -2.63 28.93
C GLY A 252 2.31 -3.19 29.24
N GLY A 253 2.42 -4.51 29.30
CA GLY A 253 3.69 -5.18 29.53
C GLY A 253 4.66 -5.00 28.38
N TYR A 254 4.13 -4.69 27.20
CA TYR A 254 4.91 -4.45 25.96
C TYR A 254 6.05 -3.45 26.19
N THR A 255 5.84 -2.48 27.08
CA THR A 255 6.82 -1.41 27.30
C THR A 255 8.13 -1.98 27.85
N ALA A 256 8.05 -2.79 28.89
CA ALA A 256 9.24 -3.40 29.47
C ALA A 256 9.80 -4.50 28.57
N ILE A 257 8.89 -5.26 27.93
CA ILE A 257 9.28 -6.42 27.13
C ILE A 257 10.04 -5.96 25.88
N ASN A 258 9.47 -5.01 25.16
CA ASN A 258 10.12 -4.56 23.93
C ASN A 258 11.39 -3.75 24.26
N LYS A 259 11.39 -3.01 25.37
CA LYS A 259 12.61 -2.35 25.84
C LYS A 259 13.75 -3.34 26.07
N TYR A 260 13.45 -4.46 26.71
CA TYR A 260 14.46 -5.47 26.99
C TYR A 260 14.97 -6.11 25.72
N LEU A 261 14.05 -6.43 24.82
CA LEU A 261 14.41 -7.04 23.54
C LEU A 261 15.29 -6.09 22.72
N LEU A 262 15.04 -4.80 22.84
CA LEU A 262 15.76 -3.84 22.00
C LEU A 262 17.22 -3.67 22.46
N ASP A 263 17.45 -3.55 23.76
CA ASP A 263 18.80 -3.30 24.25
C ASP A 263 19.06 -3.82 25.67
N GLY A 264 18.25 -4.75 26.14
CA GLY A 264 18.49 -5.37 27.43
C GLY A 264 18.24 -4.54 28.68
N THR A 265 17.52 -3.43 28.58
CA THR A 265 17.20 -2.67 29.80
C THR A 265 16.22 -3.43 30.70
N ILE A 266 16.47 -3.37 32.01
CA ILE A 266 15.66 -4.03 33.03
C ILE A 266 15.30 -3.07 34.16
N GLY A 267 14.02 -2.98 34.51
CA GLY A 267 13.61 -2.20 35.66
C GLY A 267 14.06 -2.84 36.96
N GLU A 268 14.28 -2.03 37.99
CA GLU A 268 14.72 -2.54 39.29
C GLU A 268 13.66 -3.43 39.94
N ASN A 269 12.43 -3.29 39.47
CA ASN A 269 11.32 -4.10 39.93
C ASN A 269 11.44 -5.57 39.52
N THR A 270 12.03 -5.83 38.36
CA THR A 270 12.01 -7.16 37.79
C THR A 270 13.39 -7.77 37.56
N SER A 271 13.41 -8.87 36.81
CA SER A 271 14.61 -9.65 36.60
C SER A 271 14.72 -10.13 35.17
N LYS A 272 15.94 -10.49 34.77
CA LYS A 272 16.16 -11.07 33.45
C LYS A 272 15.28 -12.30 33.23
N GLU A 273 15.25 -13.20 34.22
CA GLU A 273 14.49 -14.45 34.09
C GLU A 273 12.99 -14.20 33.89
N ASP A 274 12.44 -13.26 34.62
CA ASP A 274 11.00 -12.96 34.48
C ASP A 274 10.71 -12.41 33.09
N LEU A 275 11.59 -11.56 32.59
CA LEU A 275 11.43 -10.99 31.25
C LEU A 275 11.60 -12.07 30.19
N GLU A 276 12.66 -12.88 30.32
CA GLU A 276 12.88 -13.97 29.37
C GLU A 276 11.71 -14.95 29.30
N GLU A 277 11.14 -15.28 30.45
CA GLU A 277 10.01 -16.22 30.51
C GLU A 277 8.84 -15.66 29.72
N LYS A 278 8.57 -14.39 29.92
CA LYS A 278 7.46 -13.76 29.21
C LYS A 278 7.73 -13.75 27.71
N ILE A 279 8.95 -13.39 27.33
CA ILE A 279 9.33 -13.33 25.92
C ILE A 279 9.22 -14.73 25.30
N SER A 280 9.69 -15.73 26.05
CA SER A 280 9.57 -17.13 25.66
C SER A 280 8.12 -17.53 25.37
N ASN A 281 7.23 -17.21 26.30
CA ASN A 281 5.83 -17.61 26.19
C ASN A 281 5.12 -16.90 25.04
N ILE A 282 5.31 -15.59 24.92
CA ILE A 282 4.73 -14.85 23.81
C ILE A 282 5.26 -15.39 22.47
N SER A 283 6.58 -15.59 22.37
CA SER A 283 7.17 -16.01 21.08
C SER A 283 6.70 -17.42 20.70
N SER A 284 6.65 -18.35 21.66
CA SER A 284 6.15 -19.69 21.36
C SER A 284 4.67 -19.61 20.92
N ALA A 285 3.90 -18.73 21.55
CA ALA A 285 2.51 -18.54 21.15
C ALA A 285 2.38 -18.09 19.70
N LEU A 286 3.25 -17.17 19.30
CA LEU A 286 3.15 -16.57 17.98
C LEU A 286 3.61 -17.52 16.86
N LYS A 287 4.16 -18.67 17.23
CA LYS A 287 4.58 -19.68 16.26
C LYS A 287 3.50 -20.74 16.05
N LYS A 288 2.38 -20.62 16.75
CA LYS A 288 1.43 -21.74 16.82
C LYS A 288 0.45 -21.78 15.64
N ARG A 289 0.23 -20.65 15.00
CA ARG A 289 -0.58 -20.65 13.78
C ARG A 289 -0.11 -19.56 12.83
N LYS A 290 0.71 -19.95 11.85
CA LYS A 290 1.27 -19.02 10.88
C LYS A 290 0.19 -18.29 10.11
N ILE A 291 0.46 -17.02 9.79
CA ILE A 291 -0.43 -16.24 8.93
C ILE A 291 -0.82 -17.06 7.69
N PRO A 292 -2.12 -17.33 7.50
CA PRO A 292 -2.65 -18.28 6.51
C PRO A 292 -2.69 -17.78 5.06
N GLU A 293 -2.57 -16.46 4.85
CA GLU A 293 -2.55 -15.84 3.53
C GLU A 293 -1.93 -14.47 3.65
N ASP A 294 -1.32 -13.99 2.56
CA ASP A 294 -0.69 -12.68 2.54
C ASP A 294 -1.72 -11.65 2.97
N ILE A 295 -1.32 -10.77 3.87
CA ILE A 295 -2.19 -9.72 4.38
C ILE A 295 -1.39 -8.41 4.51
N ILE A 296 -2.06 -7.29 4.32
CA ILE A 296 -1.50 -5.99 4.62
C ILE A 296 -1.84 -5.62 6.08
N THR A 297 -0.85 -5.19 6.86
CA THR A 297 -1.15 -4.69 8.20
C THR A 297 -0.39 -3.37 8.44
N TYR A 298 -0.74 -2.66 9.51
CA TYR A 298 -0.30 -1.27 9.73
C TYR A 298 0.32 -1.03 11.10
N ARG A 299 1.14 0.00 11.21
CA ARG A 299 1.70 0.34 12.51
C ARG A 299 1.99 1.83 12.56
N ARG A 300 1.53 2.48 13.63
CA ARG A 300 1.93 3.84 13.94
C ARG A 300 3.25 3.76 14.68
N MET A 301 4.33 4.11 14.01
CA MET A 301 5.67 3.88 14.53
C MET A 301 6.17 5.16 15.19
N GLY A 302 6.93 5.02 16.28
CA GLY A 302 7.60 6.17 16.87
C GLY A 302 8.92 6.44 16.15
N PRO A 303 9.48 7.64 16.34
CA PRO A 303 10.71 8.02 15.63
C PRO A 303 11.92 7.12 15.95
N ASN A 304 12.00 6.60 17.17
CA ASN A 304 13.11 5.71 17.58
C ASN A 304 13.30 4.53 16.64
N GLU A 305 12.22 4.09 15.99
CA GLU A 305 12.30 2.92 15.12
C GLU A 305 13.11 3.21 13.87
N PHE A 306 13.39 4.49 13.62
CA PHE A 306 14.26 4.89 12.53
C PHE A 306 15.37 5.80 13.03
N GLY A 307 15.76 5.60 14.29
CA GLY A 307 16.89 6.31 14.87
C GLY A 307 16.68 7.80 15.05
N LEU A 308 15.42 8.23 15.12
CA LEU A 308 15.09 9.63 15.36
C LEU A 308 14.48 9.85 16.75
N ASP A 309 14.56 11.10 17.22
CA ASP A 309 13.87 11.56 18.42
C ASP A 309 12.69 12.43 18.00
N LEU A 310 11.77 12.67 18.93
CA LEU A 310 10.61 13.53 18.68
C LEU A 310 11.05 14.94 18.26
N ASN A 311 12.19 15.39 18.75
CA ASN A 311 12.68 16.74 18.42
C ASN A 311 13.90 16.76 17.50
N SER A 312 14.14 15.67 16.80
CA SER A 312 15.19 15.64 15.79
C SER A 312 14.78 16.58 14.66
N PRO A 313 15.69 17.46 14.24
CA PRO A 313 15.50 18.25 13.03
C PRO A 313 15.07 17.40 11.84
N ASP A 314 15.63 16.20 11.74
CA ASP A 314 15.36 15.32 10.62
C ASP A 314 13.92 14.78 10.65
N TYR A 315 13.26 14.91 11.80
CA TYR A 315 11.91 14.36 11.97
C TYR A 315 10.83 15.39 11.56
N ASP A 316 11.27 16.58 11.14
CA ASP A 316 10.35 17.61 10.66
C ASP A 316 10.03 17.40 9.19
N PHE A 317 9.01 16.59 8.90
CA PHE A 317 8.69 16.23 7.53
C PHE A 317 7.88 17.31 6.81
N ASN A 318 7.62 18.41 7.50
CA ASN A 318 7.00 19.58 6.88
C ASN A 318 8.01 20.31 5.99
N LYS A 319 9.25 19.85 6.02
CA LYS A 319 10.29 20.37 5.15
C LYS A 319 10.69 19.32 4.12
N VAL A 320 10.64 19.68 2.84
CA VAL A 320 10.88 18.71 1.77
C VAL A 320 12.24 18.01 1.93
N GLU A 321 13.25 18.76 2.34
CA GLU A 321 14.62 18.23 2.48
C GLU A 321 14.66 17.06 3.43
N ASN A 322 13.87 17.13 4.50
CA ASN A 322 13.82 16.04 5.48
C ASN A 322 13.14 14.77 4.98
N VAL A 323 12.11 14.92 4.17
CA VAL A 323 11.51 13.77 3.51
C VAL A 323 12.53 13.12 2.57
N SER A 324 13.26 13.95 1.82
CA SER A 324 14.30 13.48 0.90
C SER A 324 15.41 12.72 1.62
N LYS A 325 15.86 13.28 2.75
CA LYS A 325 16.87 12.63 3.59
C LYS A 325 16.41 11.26 4.04
N PHE A 326 15.15 11.17 4.45
CA PHE A 326 14.60 9.95 4.98
C PHE A 326 14.52 8.89 3.88
N LYS A 327 14.12 9.32 2.69
CA LYS A 327 14.01 8.41 1.55
C LYS A 327 15.39 7.90 1.17
N GLU A 328 16.37 8.80 1.15
CA GLU A 328 17.74 8.43 0.80
C GLU A 328 18.32 7.44 1.81
N LYS A 329 18.01 7.64 3.09
CA LYS A 329 18.56 6.80 4.13
C LYS A 329 17.95 5.40 4.14
N TRP A 330 16.64 5.29 3.86
CA TRP A 330 15.93 4.04 4.15
C TRP A 330 15.37 3.26 2.95
N LEU A 331 15.12 3.91 1.82
CA LEU A 331 14.60 3.17 0.65
C LEU A 331 15.51 1.98 0.31
N GLY A 332 14.91 0.82 0.11
CA GLY A 332 15.65 -0.36 -0.30
C GLY A 332 16.45 -1.01 0.82
N LYS A 333 16.40 -0.45 2.02
CA LYS A 333 17.17 -1.00 3.13
C LYS A 333 16.46 -2.18 3.79
N THR A 334 17.23 -3.08 4.37
CA THR A 334 16.63 -4.10 5.23
C THR A 334 16.95 -3.80 6.69
N ILE A 335 15.92 -3.71 7.53
CA ILE A 335 16.06 -3.29 8.93
C ILE A 335 15.71 -4.41 9.87
N PRO A 336 16.70 -4.94 10.61
CA PRO A 336 16.40 -5.95 11.63
C PRO A 336 15.46 -5.40 12.69
N VAL A 337 14.50 -6.21 13.13
CA VAL A 337 13.56 -5.79 14.16
C VAL A 337 13.65 -6.74 15.36
N LYS A 338 14.30 -6.29 16.42
CA LYS A 338 14.55 -7.13 17.58
C LYS A 338 13.30 -7.32 18.45
N THR A 339 12.36 -6.40 18.32
CA THR A 339 11.17 -6.35 19.18
C THR A 339 10.02 -7.19 18.62
N PHE A 340 9.04 -7.52 19.48
CA PHE A 340 7.75 -7.96 18.97
C PHE A 340 7.16 -6.76 18.25
N ILE A 341 6.40 -7.02 17.19
CA ILE A 341 5.78 -5.93 16.43
C ILE A 341 4.26 -5.90 16.61
N SER A 342 3.78 -4.88 17.33
CA SER A 342 2.36 -4.59 17.45
C SER A 342 1.84 -3.88 16.18
N THR A 343 0.98 -4.56 15.45
CA THR A 343 0.39 -4.00 14.22
C THR A 343 -1.11 -4.06 14.29
N THR A 344 -1.77 -3.22 13.50
CA THR A 344 -3.21 -3.23 13.40
C THR A 344 -3.59 -3.40 11.93
N VAL A 345 -4.54 -4.29 11.66
CA VAL A 345 -4.90 -4.55 10.28
C VAL A 345 -5.77 -3.46 9.67
N LEU A 346 -6.15 -2.45 10.46
CA LEU A 346 -6.88 -1.30 9.92
C LEU A 346 -5.92 -0.16 9.65
N SER A 347 -6.22 0.62 8.62
CA SER A 347 -5.42 1.79 8.28
C SER A 347 -5.79 2.98 9.17
N ASN A 348 -6.92 2.88 9.89
CA ASN A 348 -7.37 3.92 10.84
C ASN A 348 -6.26 4.40 11.76
N ASN A 349 -6.20 5.71 12.01
CA ASN A 349 -5.30 6.22 13.04
C ASN A 349 -5.76 5.72 14.42
N ILE A 350 -4.85 5.66 15.38
CA ILE A 350 -5.17 5.23 16.74
C ILE A 350 -4.97 6.41 17.69
N SER A 351 -5.98 6.68 18.52
CA SER A 351 -6.00 7.87 19.38
C SER A 351 -4.72 8.04 20.20
N ALA A 352 -4.24 6.96 20.81
CA ALA A 352 -3.08 7.05 21.68
C ALA A 352 -1.80 7.39 20.91
N PHE A 353 -1.81 7.08 19.60
CA PHE A 353 -0.63 7.27 18.76
C PHE A 353 -0.92 8.21 17.59
N ALA A 354 -1.83 9.15 17.81
CA ALA A 354 -2.40 9.96 16.71
C ALA A 354 -1.38 10.87 16.05
N LYS A 355 -0.36 11.28 16.79
CA LYS A 355 0.62 12.22 16.26
C LYS A 355 1.89 11.58 15.72
N ARG A 356 2.05 10.27 15.88
CA ARG A 356 3.19 9.59 15.25
C ARG A 356 3.16 9.80 13.72
N LYS A 357 4.31 10.16 13.14
CA LYS A 357 4.38 10.60 11.73
C LYS A 357 4.79 9.49 10.78
N LEU A 358 5.05 8.32 11.34
CA LEU A 358 5.57 7.22 10.55
C LEU A 358 4.54 6.10 10.53
N ILE A 359 3.94 5.88 9.37
CA ILE A 359 2.89 4.87 9.22
C ILE A 359 3.39 3.67 8.42
N LEU A 360 3.63 2.57 9.13
CA LEU A 360 4.03 1.32 8.49
C LEU A 360 2.85 0.76 7.70
N ARG A 361 3.07 0.46 6.43
CA ARG A 361 2.10 -0.32 5.68
C ARG A 361 2.81 -1.60 5.24
N LEU A 362 2.61 -2.64 6.05
CA LEU A 362 3.43 -3.85 6.00
C LEU A 362 2.76 -4.98 5.22
N HIS A 363 3.48 -5.49 4.23
CA HIS A 363 3.09 -6.71 3.51
C HIS A 363 3.56 -7.90 4.36
N LEU A 364 2.59 -8.57 5.01
CA LEU A 364 2.84 -9.66 5.93
C LEU A 364 2.57 -10.99 5.23
N PRO A 365 3.65 -11.72 4.89
CA PRO A 365 3.46 -12.91 4.04
C PRO A 365 2.79 -14.09 4.74
N ASN A 366 2.06 -14.86 3.94
CA ASN A 366 1.72 -16.25 4.24
C ASN A 366 2.91 -16.93 4.92
N GLY A 367 2.67 -17.55 6.08
CA GLY A 367 3.72 -18.30 6.74
C GLY A 367 4.46 -17.57 7.86
N SER A 368 4.22 -16.27 7.99
CA SER A 368 4.81 -15.47 9.06
C SER A 368 4.37 -15.93 10.46
N ASN A 369 5.29 -15.91 11.42
CA ASN A 369 4.93 -16.24 12.79
C ASN A 369 4.32 -15.00 13.46
N ALA A 370 2.99 -14.92 13.38
CA ALA A 370 2.20 -13.78 13.84
C ALA A 370 0.80 -14.26 14.15
N ALA A 371 0.08 -13.56 15.02
CA ALA A 371 -1.30 -13.95 15.35
C ALA A 371 -2.22 -12.74 15.44
N TYR A 372 -3.49 -12.94 15.06
CA TYR A 372 -4.52 -11.94 15.32
C TYR A 372 -4.94 -12.08 16.76
N VAL A 373 -4.31 -11.30 17.64
CA VAL A 373 -4.44 -11.54 19.07
C VAL A 373 -5.74 -10.99 19.63
N SER A 374 -6.39 -10.09 18.87
CA SER A 374 -7.65 -9.48 19.31
C SER A 374 -8.86 -10.41 19.31
N VAL A 375 -8.69 -11.67 18.92
CA VAL A 375 -9.78 -12.65 19.06
C VAL A 375 -10.02 -12.94 20.53
N ALA A 376 -8.96 -12.78 21.33
CA ALA A 376 -9.03 -13.02 22.76
C ALA A 376 -10.05 -12.10 23.41
N GLU A 377 -10.67 -12.58 24.49
CA GLU A 377 -11.61 -11.77 25.25
C GLU A 377 -10.95 -10.47 25.72
N GLY A 378 -11.67 -9.36 25.59
CA GLY A 378 -11.22 -8.12 26.17
C GLY A 378 -10.60 -7.15 25.19
N TYR A 379 -10.64 -7.51 23.91
CA TYR A 379 -10.12 -6.63 22.87
C TYR A 379 -11.18 -6.32 21.82
N LYS A 380 -12.35 -5.89 22.28
CA LYS A 380 -13.31 -5.24 21.41
C LYS A 380 -12.70 -3.92 21.01
N ASN A 381 -12.97 -3.50 19.76
CA ASN A 381 -12.40 -2.29 19.17
C ASN A 381 -10.91 -2.41 18.85
N GLU A 382 -10.33 -3.59 19.10
CA GLU A 382 -8.94 -3.82 18.75
C GLU A 382 -8.86 -4.81 17.59
N TYR A 383 -7.83 -4.66 16.76
CA TYR A 383 -7.70 -5.41 15.52
C TYR A 383 -6.22 -5.70 15.27
N GLU A 384 -5.56 -6.20 16.31
CA GLU A 384 -4.11 -6.31 16.32
C GLU A 384 -3.60 -7.66 15.78
N VAL A 385 -2.60 -7.56 14.92
CA VAL A 385 -1.76 -8.70 14.60
C VAL A 385 -0.41 -8.46 15.25
N LEU A 386 -0.03 -9.38 16.14
CA LEU A 386 1.24 -9.30 16.85
C LEU A 386 2.26 -10.21 16.17
N ILE A 387 3.40 -9.64 15.79
CA ILE A 387 4.41 -10.36 15.02
C ILE A 387 5.57 -10.76 15.93
N ASP A 388 6.10 -11.98 15.74
CA ASP A 388 7.20 -12.51 16.53
C ASP A 388 8.44 -11.62 16.43
N HIS A 389 9.26 -11.64 17.47
CA HIS A 389 10.49 -10.86 17.43
C HIS A 389 11.49 -11.45 16.43
N GLY A 390 12.39 -10.61 15.92
CA GLY A 390 13.52 -11.12 15.16
C GLY A 390 13.33 -11.22 13.66
N TYR A 391 12.29 -10.59 13.12
CA TYR A 391 12.14 -10.48 11.67
C TYR A 391 12.82 -9.19 11.22
N SER A 392 12.63 -8.83 9.95
CA SER A 392 13.17 -7.59 9.40
C SER A 392 12.17 -6.91 8.49
N TYR A 393 12.31 -5.60 8.32
CA TYR A 393 11.56 -4.84 7.33
C TYR A 393 12.42 -4.63 6.11
N LYS A 394 11.89 -4.96 4.92
CA LYS A 394 12.51 -4.53 3.68
C LYS A 394 11.72 -3.30 3.23
N ILE A 395 12.38 -2.13 3.18
CA ILE A 395 11.68 -0.88 2.90
C ILE A 395 11.47 -0.74 1.39
N ASP A 396 10.20 -0.70 0.96
CA ASP A 396 9.84 -0.78 -0.45
C ASP A 396 9.46 0.60 -1.02
N ASN A 397 8.74 1.39 -0.22
CA ASN A 397 8.42 2.75 -0.64
C ASN A 397 8.15 3.66 0.53
N ILE A 398 8.23 4.96 0.25
CA ILE A 398 7.97 5.99 1.23
C ILE A 398 7.12 7.04 0.55
N THR A 399 5.92 7.25 1.08
CA THR A 399 4.97 8.14 0.44
C THR A 399 4.45 9.19 1.42
N GLU A 400 4.74 10.46 1.15
CA GLU A 400 4.30 11.51 2.06
C GLU A 400 2.83 11.88 1.84
N TYR A 401 2.11 12.18 2.91
CA TYR A 401 0.87 12.92 2.77
C TYR A 401 0.72 13.87 3.93
N TYR A 402 -0.18 14.82 3.79
CA TYR A 402 -0.35 15.83 4.83
C TYR A 402 -1.57 15.54 5.67
N ASP A 403 -1.34 15.18 6.94
CA ASP A 403 -2.42 15.05 7.92
C ASP A 403 -2.76 16.42 8.45
N GLU A 404 -3.87 16.97 7.99
CA GLU A 404 -4.26 18.35 8.29
C GLU A 404 -5.00 18.46 9.61
N SER A 405 -5.31 17.33 10.22
CA SER A 405 -6.13 17.31 11.42
C SER A 405 -5.36 17.80 12.64
N SER A 406 -6.09 18.45 13.54
CA SER A 406 -5.56 18.93 14.80
C SER A 406 -5.06 17.77 15.66
N LEU A 407 -5.87 16.74 15.82
CA LEU A 407 -5.47 15.62 16.66
C LEU A 407 -4.38 14.78 16.01
N GLY A 408 -4.31 14.84 14.68
CA GLY A 408 -3.30 14.09 13.94
C GLY A 408 -1.95 14.80 13.93
N GLY A 409 -1.96 16.08 14.30
CA GLY A 409 -0.72 16.82 14.46
C GLY A 409 -0.39 17.86 13.41
N LYS A 410 -1.31 18.10 12.47
CA LYS A 410 -1.11 19.12 11.41
C LYS A 410 0.28 19.02 10.82
N THR A 411 0.61 17.83 10.32
CA THR A 411 1.94 17.57 9.80
C THR A 411 1.95 16.62 8.61
N ASN A 412 2.97 16.75 7.77
CA ASN A 412 3.29 15.69 6.84
C ASN A 412 3.64 14.40 7.57
N LYS A 413 3.12 13.29 7.07
CA LYS A 413 3.42 11.98 7.60
C LYS A 413 3.96 11.08 6.49
N LEU A 414 4.65 10.02 6.86
CA LEU A 414 5.22 9.10 5.86
C LEU A 414 4.59 7.72 5.92
N ILE A 415 4.00 7.34 4.80
CA ILE A 415 3.51 5.99 4.62
C ILE A 415 4.68 5.12 4.17
N ILE A 416 5.06 4.17 5.01
CA ILE A 416 6.27 3.38 4.75
C ILE A 416 5.86 1.98 4.35
N ASP A 417 5.78 1.76 3.03
CA ASP A 417 5.48 0.43 2.50
C ASP A 417 6.67 -0.48 2.70
N ALA A 418 6.45 -1.61 3.36
CA ALA A 418 7.54 -2.52 3.67
C ALA A 418 7.06 -3.94 3.49
N THR A 419 8.02 -4.85 3.35
CA THR A 419 7.75 -6.29 3.33
C THR A 419 8.43 -6.94 4.52
N LEU A 420 7.71 -7.76 5.28
CA LEU A 420 8.32 -8.49 6.37
C LEU A 420 9.17 -9.63 5.80
N ILE A 421 10.45 -9.65 6.16
CA ILE A 421 11.31 -10.73 5.71
C ILE A 421 11.97 -11.46 6.88
PA NAD B . 6.09 -0.51 21.33
O1A NAD B . 6.67 -1.28 22.49
O2A NAD B . 6.17 -1.07 19.94
O5B NAD B . 6.73 0.96 21.26
C5B NAD B . 7.05 1.73 22.43
C4B NAD B . 8.15 2.71 22.10
O4B NAD B . 9.32 1.97 21.75
C3B NAD B . 7.79 3.60 20.91
O3B NAD B . 8.32 4.92 21.15
C2B NAD B . 8.52 2.93 19.75
O2B NAD B . 8.90 3.86 18.72
C1B NAD B . 9.74 2.31 20.42
N9A NAD B . 10.11 1.07 19.69
C8A NAD B . 9.33 0.01 19.45
N7A NAD B . 10.01 -0.93 18.73
C5A NAD B . 11.23 -0.44 18.49
C6A NAD B . 12.45 -0.89 17.79
N6A NAD B . 12.47 -2.10 17.19
N1A NAD B . 13.51 -0.06 17.75
C2A NAD B . 13.50 1.14 18.36
N3A NAD B . 12.43 1.62 19.03
C4A NAD B . 11.29 0.89 19.11
O3 NAD B . 4.54 -0.28 21.68
PN NAD B . 3.50 0.75 21.02
O1N NAD B . 3.26 0.33 19.58
O2N NAD B . 3.93 2.16 21.36
O5D NAD B . 2.21 0.41 21.92
C5D NAD B . 1.72 -0.92 22.05
C4D NAD B . 0.32 -0.87 22.64
O4D NAD B . -0.60 -0.42 21.65
C3D NAD B . -0.14 -2.28 23.01
O3D NAD B . -1.17 -2.15 24.00
C2D NAD B . -0.75 -2.78 21.71
O2D NAD B . -1.75 -3.77 21.94
C1D NAD B . -1.29 -1.51 21.06
N1N NAD B . -1.11 -1.46 19.59
C2N NAD B . -0.34 -0.51 19.02
C3N NAD B . -0.17 -0.48 17.63
C7N NAD B . 0.66 0.58 16.96
O7N NAD B . 1.60 1.14 17.55
N7N NAD B . 0.32 0.90 15.72
C4N NAD B . -0.82 -1.40 16.81
C5N NAD B . -1.60 -2.36 17.43
C6N NAD B . -1.73 -2.37 18.82
#